data_6OMZ
#
_entry.id   6OMZ
#
_cell.length_a   47.720
_cell.length_b   96.410
_cell.length_c   135.070
_cell.angle_alpha   90.00
_cell.angle_beta   90.00
_cell.angle_gamma   90.00
#
_symmetry.space_group_name_H-M   'C 2 2 21'
#
loop_
_entity.id
_entity.type
_entity.pdbx_description
1 polymer 'Dihydropteroate synthase'
2 non-polymer 'CITRIC ACID'
3 non-polymer 'DIMETHYL SULFOXIDE'
4 non-polymer PTERIN-6-YL-METHYL-MONOPHOSPHATE
5 non-polymer 1,2-ETHANEDIOL
6 water water
#
_entity_poly.entity_id   1
_entity_poly.type   'polypeptide(L)'
_entity_poly.pdbx_seq_one_letter_code
;MAHHHHHHMNPPSLTAQPGTPVQVMGVVNVTQDSFSDGGKFIDTDRAVEHGLALVAAGAQIIDVGGESTRPGATRIDPGV
EAARVTPVIRELAAQGITISIDTMHADVARAALEAGAHIVNDVSGGRADPGMAGVLAEAKVPWILMHWRSVDADHPHRVP
GYRDVVAEVRTELLAAVDAAVTAGVEPERLVIDPGLGFAKTAEHNWALLHALPDLVATGVPVLVGASRKRFLGTLLAAAD
GTPRPPDGRETATAVISVLAAMHGAWGVRVHDVQASVDALKVLGAWTSGEQIG
;
_entity_poly.pdbx_strand_id   A
#
# COMPACT_ATOMS: atom_id res chain seq x y z
N THR A 20 -4.08 -12.33 16.47
CA THR A 20 -4.18 -11.72 15.14
C THR A 20 -3.42 -10.41 15.09
N PRO A 21 -2.10 -10.48 14.87
CA PRO A 21 -1.29 -9.27 14.85
C PRO A 21 -1.37 -8.57 13.50
N VAL A 22 -1.13 -7.24 13.54
CA VAL A 22 -1.09 -6.46 12.32
C VAL A 22 0.06 -6.92 11.43
N GLN A 23 -0.22 -7.05 10.14
CA GLN A 23 0.82 -7.39 9.17
C GLN A 23 1.57 -6.13 8.76
N VAL A 24 2.89 -6.15 8.90
CA VAL A 24 3.71 -5.05 8.44
C VAL A 24 4.15 -5.32 7.01
N MET A 25 3.72 -4.47 6.08
CA MET A 25 4.06 -4.61 4.66
C MET A 25 5.15 -3.60 4.33
N GLY A 26 6.36 -4.09 4.07
CA GLY A 26 7.48 -3.23 3.68
C GLY A 26 7.56 -3.03 2.17
N VAL A 27 7.85 -1.79 1.76
CA VAL A 27 7.79 -1.39 0.35
C VAL A 27 9.17 -1.55 -0.29
N VAL A 28 9.22 -2.22 -1.44
CA VAL A 28 10.41 -2.24 -2.30
C VAL A 28 9.94 -1.80 -3.68
N ASN A 29 10.31 -0.59 -4.08
CA ASN A 29 10.04 -0.13 -5.45
C ASN A 29 11.34 -0.23 -6.22
N VAL A 30 11.35 -1.12 -7.22
CA VAL A 30 12.58 -1.44 -7.94
C VAL A 30 13.07 -0.22 -8.70
N THR A 31 12.15 0.57 -9.25
CA THR A 31 12.54 1.74 -10.01
C THR A 31 13.14 2.80 -9.08
N GLN A 32 12.48 3.05 -7.94
CA GLN A 32 13.01 4.03 -7.00
C GLN A 32 14.35 3.56 -6.42
N ASP A 33 14.44 2.29 -6.03
CA ASP A 33 15.71 1.77 -5.52
C ASP A 33 16.83 1.94 -6.54
N SER A 34 16.53 1.72 -7.82
CA SER A 34 17.58 1.75 -8.84
C SER A 34 17.98 3.17 -9.22
N PHE A 35 17.03 4.10 -9.23
CA PHE A 35 17.22 5.38 -9.89
C PHE A 35 17.15 6.59 -8.98
N SER A 36 16.65 6.46 -7.75
CA SER A 36 16.32 7.65 -6.95
C SER A 36 17.55 8.50 -6.68
N ASP A 37 18.71 7.88 -6.42
CA ASP A 37 19.93 8.59 -6.11
CA ASP A 37 19.91 8.65 -6.12
C ASP A 37 20.83 8.79 -7.33
N GLY A 38 20.29 8.68 -8.53
CA GLY A 38 21.03 8.95 -9.75
C GLY A 38 21.54 7.77 -10.53
N GLY A 39 21.19 6.54 -10.15
CA GLY A 39 21.70 5.39 -10.86
C GLY A 39 21.19 5.30 -12.29
N LYS A 40 22.00 4.72 -13.16
CA LYS A 40 21.70 4.60 -14.58
C LYS A 40 20.98 3.29 -14.94
N PHE A 41 21.34 2.18 -14.32
CA PHE A 41 20.84 0.88 -14.73
C PHE A 41 19.95 0.27 -13.65
N ILE A 42 18.96 -0.51 -14.09
CA ILE A 42 18.11 -1.23 -13.16
C ILE A 42 18.98 -2.16 -12.34
N ASP A 43 18.71 -2.22 -11.03
CA ASP A 43 19.60 -2.90 -10.09
C ASP A 43 18.76 -3.91 -9.29
N THR A 44 18.57 -5.09 -9.88
CA THR A 44 17.80 -6.14 -9.22
C THR A 44 18.38 -6.49 -7.86
N ASP A 45 19.71 -6.67 -7.79
CA ASP A 45 20.34 -7.11 -6.55
C ASP A 45 20.12 -6.11 -5.42
N ARG A 46 20.14 -4.81 -5.72
CA ARG A 46 19.89 -3.82 -4.69
C ARG A 46 18.48 -3.93 -4.15
N ALA A 47 17.49 -4.14 -5.03
CA ALA A 47 16.12 -4.27 -4.59
C ALA A 47 15.90 -5.55 -3.81
N VAL A 48 16.55 -6.64 -4.24
CA VAL A 48 16.44 -7.89 -3.49
C VAL A 48 17.04 -7.74 -2.10
N GLU A 49 18.23 -7.14 -2.01
CA GLU A 49 18.83 -6.95 -0.68
C GLU A 49 17.99 -6.02 0.17
N HIS A 50 17.32 -5.05 -0.45
CA HIS A 50 16.38 -4.19 0.27
C HIS A 50 15.26 -5.01 0.88
N GLY A 51 14.63 -5.86 0.08
CA GLY A 51 13.56 -6.71 0.58
C GLY A 51 14.03 -7.66 1.67
N LEU A 52 15.21 -8.27 1.50
CA LEU A 52 15.76 -9.12 2.55
C LEU A 52 15.97 -8.34 3.84
N ALA A 53 16.41 -7.09 3.74
CA ALA A 53 16.64 -6.27 4.92
C ALA A 53 15.33 -5.91 5.63
N LEU A 54 14.28 -5.67 4.86
CA LEU A 54 12.98 -5.39 5.45
C LEU A 54 12.40 -6.60 6.15
N VAL A 55 12.62 -7.79 5.57
CA VAL A 55 12.18 -9.02 6.24
C VAL A 55 12.96 -9.21 7.55
N ALA A 56 14.27 -8.99 7.50
CA ALA A 56 15.08 -9.14 8.71
C ALA A 56 14.67 -8.14 9.80
N ALA A 57 14.12 -7.00 9.40
CA ALA A 57 13.63 -5.98 10.32
C ALA A 57 12.19 -6.23 10.79
N GLY A 58 11.55 -7.30 10.33
CA GLY A 58 10.26 -7.71 10.87
C GLY A 58 9.08 -7.60 9.93
N ALA A 59 9.28 -7.35 8.63
CA ALA A 59 8.14 -7.27 7.73
C ALA A 59 7.55 -8.66 7.49
N GLN A 60 6.23 -8.74 7.50
CA GLN A 60 5.51 -9.96 7.12
C GLN A 60 5.31 -10.07 5.61
N ILE A 61 5.19 -8.95 4.92
CA ILE A 61 4.89 -8.92 3.50
C ILE A 61 5.83 -7.91 2.85
N ILE A 62 6.38 -8.25 1.69
CA ILE A 62 7.14 -7.30 0.89
C ILE A 62 6.31 -6.90 -0.31
N ASP A 63 6.01 -5.60 -0.42
CA ASP A 63 5.22 -5.05 -1.52
C ASP A 63 6.18 -4.54 -2.60
N VAL A 64 6.26 -5.25 -3.73
CA VAL A 64 7.20 -4.92 -4.79
C VAL A 64 6.48 -4.12 -5.86
N GLY A 65 7.06 -2.99 -6.27
CA GLY A 65 6.48 -2.15 -7.31
C GLY A 65 7.52 -1.70 -8.32
N GLY A 66 7.05 -1.43 -9.54
CA GLY A 66 7.95 -0.98 -10.59
C GLY A 66 7.63 0.40 -11.12
N GLU A 67 6.50 0.94 -10.68
CA GLU A 67 5.99 2.18 -11.21
C GLU A 67 5.73 3.16 -10.07
N SER A 68 5.55 4.41 -10.45
CA SER A 68 5.07 5.46 -9.56
C SER A 68 3.82 6.05 -10.19
N THR A 69 2.92 6.58 -9.36
CA THR A 69 1.74 7.27 -9.87
C THR A 69 1.75 8.75 -9.59
N ARG A 70 2.77 9.28 -8.90
CA ARG A 70 2.72 10.68 -8.50
C ARG A 70 2.95 11.60 -9.70
N PRO A 71 2.47 12.84 -9.62
CA PRO A 71 2.60 13.76 -10.76
C PRO A 71 4.05 13.94 -11.15
N GLY A 72 4.29 14.00 -12.46
CA GLY A 72 5.63 14.22 -12.96
C GLY A 72 6.57 13.05 -12.80
N ALA A 73 6.05 11.85 -12.56
CA ALA A 73 6.90 10.67 -12.56
C ALA A 73 7.31 10.34 -14.00
N THR A 74 8.40 9.58 -14.13
CA THR A 74 8.75 9.00 -15.42
C THR A 74 7.74 7.92 -15.78
N ARG A 75 7.19 7.99 -16.99
CA ARG A 75 6.19 7.02 -17.42
C ARG A 75 6.84 5.89 -18.21
N ILE A 76 6.40 4.65 -17.95
CA ILE A 76 6.99 3.47 -18.55
C ILE A 76 5.89 2.54 -19.05
N ASP A 77 6.24 1.73 -20.05
CA ASP A 77 5.33 0.75 -20.61
CA ASP A 77 5.30 0.76 -20.60
C ASP A 77 5.10 -0.40 -19.62
N PRO A 78 3.92 -1.03 -19.65
CA PRO A 78 3.70 -2.19 -18.76
C PRO A 78 4.69 -3.34 -18.98
N GLY A 79 5.18 -3.53 -20.21
CA GLY A 79 6.22 -4.52 -20.42
C GLY A 79 7.48 -4.21 -19.63
N VAL A 80 7.84 -2.94 -19.54
CA VAL A 80 9.01 -2.52 -18.77
C VAL A 80 8.73 -2.65 -17.27
N GLU A 81 7.51 -2.32 -16.85
CA GLU A 81 7.13 -2.50 -15.45
C GLU A 81 7.33 -3.95 -15.01
N ALA A 82 6.83 -4.89 -15.82
CA ALA A 82 6.93 -6.31 -15.47
C ALA A 82 8.38 -6.77 -15.48
N ALA A 83 9.15 -6.33 -16.47
CA ALA A 83 10.55 -6.74 -16.57
C ALA A 83 11.36 -6.26 -15.37
N ARG A 84 10.93 -5.16 -14.74
CA ARG A 84 11.66 -4.66 -13.57
C ARG A 84 11.30 -5.42 -12.30
N VAL A 85 10.03 -5.79 -12.12
CA VAL A 85 9.62 -6.37 -10.85
C VAL A 85 9.87 -7.88 -10.81
N THR A 86 9.74 -8.58 -11.95
CA THR A 86 9.73 -10.05 -11.86
C THR A 86 11.05 -10.67 -11.40
N PRO A 87 12.23 -10.18 -11.80
CA PRO A 87 13.47 -10.76 -11.24
C PRO A 87 13.57 -10.61 -9.74
N VAL A 88 13.10 -9.46 -9.23
CA VAL A 88 13.13 -9.21 -7.79
C VAL A 88 12.18 -10.15 -7.08
N ILE A 89 10.96 -10.29 -7.62
CA ILE A 89 9.97 -11.17 -7.01
C ILE A 89 10.46 -12.61 -7.03
N ARG A 90 11.06 -13.04 -8.14
CA ARG A 90 11.54 -14.42 -8.22
C ARG A 90 12.56 -14.72 -7.14
N GLU A 91 13.51 -13.82 -6.90
CA GLU A 91 14.56 -14.11 -5.93
C GLU A 91 14.01 -14.05 -4.48
N LEU A 92 13.10 -13.12 -4.21
CA LEU A 92 12.54 -13.04 -2.86
C LEU A 92 11.61 -14.21 -2.58
N ALA A 93 10.82 -14.62 -3.57
CA ALA A 93 9.93 -15.76 -3.38
C ALA A 93 10.71 -17.04 -3.14
N ALA A 94 11.89 -17.18 -3.75
CA ALA A 94 12.72 -18.35 -3.52
C ALA A 94 13.20 -18.46 -2.07
N GLN A 95 13.14 -17.37 -1.30
CA GLN A 95 13.44 -17.40 0.14
C GLN A 95 12.19 -17.59 0.98
N GLY A 96 11.04 -17.88 0.38
CA GLY A 96 9.83 -18.12 1.16
C GLY A 96 9.14 -16.87 1.65
N ILE A 97 9.45 -15.74 1.07
CA ILE A 97 8.87 -14.46 1.49
C ILE A 97 7.50 -14.28 0.85
N THR A 98 6.54 -13.75 1.62
CA THR A 98 5.24 -13.40 1.07
C THR A 98 5.31 -12.05 0.39
N ILE A 99 4.87 -11.99 -0.87
CA ILE A 99 5.14 -10.86 -1.74
C ILE A 99 3.83 -10.36 -2.34
N SER A 100 3.60 -9.06 -2.25
CA SER A 100 2.52 -8.43 -3.01
C SER A 100 3.11 -7.65 -4.16
N ILE A 101 2.40 -7.66 -5.30
CA ILE A 101 2.76 -6.87 -6.47
C ILE A 101 1.90 -5.60 -6.49
N ASP A 102 2.55 -4.44 -6.44
CA ASP A 102 1.88 -3.14 -6.47
C ASP A 102 1.77 -2.74 -7.94
N THR A 103 0.62 -3.06 -8.55
CA THR A 103 0.40 -2.70 -9.95
C THR A 103 -1.09 -2.50 -10.18
N MET A 104 -1.40 -1.60 -11.13
CA MET A 104 -2.75 -1.41 -11.66
C MET A 104 -3.00 -2.18 -12.94
N HIS A 105 -2.01 -2.88 -13.46
CA HIS A 105 -2.07 -3.43 -14.82
C HIS A 105 -2.18 -4.95 -14.73
N ALA A 106 -3.23 -5.49 -15.36
CA ALA A 106 -3.55 -6.90 -15.20
C ALA A 106 -2.44 -7.80 -15.73
N ASP A 107 -1.84 -7.43 -16.87
CA ASP A 107 -0.79 -8.26 -17.44
C ASP A 107 0.43 -8.27 -16.54
N VAL A 108 0.73 -7.13 -15.89
CA VAL A 108 1.83 -7.08 -14.94
C VAL A 108 1.55 -7.94 -13.72
N ALA A 109 0.33 -7.83 -13.16
CA ALA A 109 -0.06 -8.69 -12.04
C ALA A 109 0.12 -10.16 -12.40
N ARG A 110 -0.34 -10.56 -13.58
CA ARG A 110 -0.22 -11.95 -14.00
CA ARG A 110 -0.22 -11.96 -13.98
C ARG A 110 1.23 -12.40 -14.02
N ALA A 111 2.11 -11.57 -14.61
CA ALA A 111 3.53 -11.92 -14.68
C ALA A 111 4.15 -11.99 -13.28
N ALA A 112 3.75 -11.08 -12.38
CA ALA A 112 4.27 -11.09 -11.02
C ALA A 112 3.83 -12.34 -10.27
N LEU A 113 2.57 -12.77 -10.47
CA LEU A 113 2.09 -14.01 -9.86
C LEU A 113 2.87 -15.21 -10.39
N GLU A 114 3.11 -15.25 -11.69
CA GLU A 114 3.97 -16.30 -12.23
C GLU A 114 5.33 -16.31 -11.54
N ALA A 115 5.84 -15.14 -11.19
CA ALA A 115 7.16 -15.04 -10.58
C ALA A 115 7.18 -15.37 -9.09
N GLY A 116 6.01 -15.51 -8.46
CA GLY A 116 5.95 -15.93 -7.07
C GLY A 116 5.24 -14.98 -6.13
N ALA A 117 4.71 -13.85 -6.61
CA ALA A 117 3.91 -12.99 -5.77
C ALA A 117 2.64 -13.73 -5.35
N HIS A 118 2.16 -13.43 -4.15
CA HIS A 118 0.98 -14.10 -3.61
C HIS A 118 -0.17 -13.16 -3.28
N ILE A 119 0.00 -11.86 -3.47
CA ILE A 119 -1.04 -10.86 -3.25
C ILE A 119 -0.92 -9.82 -4.36
N VAL A 120 -2.04 -9.27 -4.82
CA VAL A 120 -2.04 -8.19 -5.80
C VAL A 120 -2.53 -6.92 -5.11
N ASN A 121 -1.73 -5.86 -5.20
CA ASN A 121 -2.03 -4.58 -4.56
C ASN A 121 -2.32 -3.54 -5.64
N ASP A 122 -3.60 -3.19 -5.81
CA ASP A 122 -4.05 -2.38 -6.94
C ASP A 122 -4.50 -1.00 -6.46
N VAL A 123 -3.67 0.02 -6.67
CA VAL A 123 -4.04 1.36 -6.20
C VAL A 123 -5.26 1.91 -6.94
N SER A 124 -5.65 1.31 -8.07
CA SER A 124 -6.87 1.74 -8.73
C SER A 124 -8.10 1.00 -8.24
N GLY A 125 -7.94 0.00 -7.37
CA GLY A 125 -9.06 -0.79 -6.90
C GLY A 125 -9.81 -1.52 -8.01
N GLY A 126 -9.11 -1.98 -9.04
CA GLY A 126 -9.72 -2.66 -10.16
C GLY A 126 -10.28 -1.77 -11.24
N ARG A 127 -10.21 -0.45 -11.10
CA ARG A 127 -10.81 0.44 -12.08
C ARG A 127 -9.89 0.76 -13.25
N ALA A 128 -8.57 0.57 -13.09
CA ALA A 128 -7.64 0.95 -14.15
C ALA A 128 -7.67 -0.07 -15.28
N ASP A 129 -7.84 -1.35 -14.95
CA ASP A 129 -7.74 -2.42 -15.94
C ASP A 129 -8.95 -3.34 -15.83
N PRO A 130 -9.86 -3.35 -16.80
CA PRO A 130 -11.04 -4.24 -16.71
C PRO A 130 -10.69 -5.71 -16.67
N GLY A 131 -9.45 -6.08 -16.98
CA GLY A 131 -9.00 -7.45 -16.88
C GLY A 131 -8.48 -7.87 -15.53
N MET A 132 -8.33 -6.93 -14.58
CA MET A 132 -7.73 -7.28 -13.29
C MET A 132 -8.61 -8.25 -12.52
N ALA A 133 -9.93 -8.00 -12.48
CA ALA A 133 -10.80 -8.90 -11.72
C ALA A 133 -10.68 -10.34 -12.21
N GLY A 134 -10.61 -10.53 -13.53
CA GLY A 134 -10.51 -11.88 -14.07
C GLY A 134 -9.19 -12.54 -13.71
N VAL A 135 -8.11 -11.77 -13.69
CA VAL A 135 -6.82 -12.31 -13.25
C VAL A 135 -6.92 -12.82 -11.82
N LEU A 136 -7.47 -11.99 -10.93
CA LEU A 136 -7.59 -12.38 -9.52
C LEU A 136 -8.57 -13.53 -9.32
N ALA A 137 -9.70 -13.51 -10.04
CA ALA A 137 -10.67 -14.60 -9.88
C ALA A 137 -10.04 -15.95 -10.25
N GLU A 138 -9.22 -15.97 -11.29
CA GLU A 138 -8.55 -17.20 -11.71
C GLU A 138 -7.45 -17.59 -10.72
N ALA A 139 -6.66 -16.62 -10.27
CA ALA A 139 -5.46 -16.93 -9.48
C ALA A 139 -5.79 -17.33 -8.05
N LYS A 140 -6.93 -16.88 -7.52
CA LYS A 140 -7.39 -17.23 -6.18
C LYS A 140 -6.36 -16.83 -5.11
N VAL A 141 -5.89 -15.59 -5.20
CA VAL A 141 -4.99 -14.99 -4.23
C VAL A 141 -5.65 -13.71 -3.72
N PRO A 142 -5.18 -13.17 -2.59
CA PRO A 142 -5.80 -11.95 -2.08
C PRO A 142 -5.62 -10.77 -3.02
N TRP A 143 -6.62 -9.88 -3.01
CA TRP A 143 -6.62 -8.68 -3.84
C TRP A 143 -6.88 -7.49 -2.93
N ILE A 144 -5.92 -6.55 -2.88
CA ILE A 144 -6.07 -5.31 -2.13
C ILE A 144 -6.66 -4.26 -3.05
N LEU A 145 -7.84 -3.74 -2.69
CA LEU A 145 -8.52 -2.69 -3.44
C LEU A 145 -8.33 -1.36 -2.72
N MET A 146 -7.50 -0.48 -3.29
CA MET A 146 -7.30 0.84 -2.71
C MET A 146 -8.29 1.85 -3.28
N HIS A 147 -8.71 2.79 -2.45
CA HIS A 147 -9.66 3.81 -2.87
C HIS A 147 -8.93 4.98 -3.53
N TRP A 148 -9.30 5.27 -4.78
CA TRP A 148 -8.74 6.44 -5.44
C TRP A 148 -9.77 6.89 -6.48
N ARG A 149 -10.48 7.98 -6.20
CA ARG A 149 -11.51 8.45 -7.12
C ARG A 149 -10.82 9.34 -8.14
N SER A 150 -10.80 8.88 -9.39
CA SER A 150 -9.97 9.47 -10.43
C SER A 150 -10.77 9.45 -11.74
N VAL A 151 -11.77 10.33 -11.83
CA VAL A 151 -12.64 10.33 -13.00
C VAL A 151 -11.95 10.97 -14.21
N ASP A 152 -11.08 11.95 -14.00
CA ASP A 152 -10.46 12.70 -15.09
C ASP A 152 -9.01 12.25 -15.24
N ALA A 153 -8.74 11.48 -16.29
CA ALA A 153 -7.38 10.98 -16.48
C ALA A 153 -6.39 12.10 -16.77
N ASP A 154 -6.86 13.27 -17.23
CA ASP A 154 -5.98 14.42 -17.38
C ASP A 154 -5.67 15.10 -16.04
N HIS A 155 -6.48 14.86 -15.00
CA HIS A 155 -6.23 15.39 -13.66
C HIS A 155 -6.45 14.30 -12.62
N PRO A 156 -5.67 13.21 -12.67
CA PRO A 156 -5.99 12.04 -11.84
C PRO A 156 -5.81 12.27 -10.35
N HIS A 157 -5.13 13.35 -9.93
CA HIS A 157 -4.94 13.64 -8.51
C HIS A 157 -5.82 14.77 -8.00
N ARG A 158 -6.65 15.37 -8.86
CA ARG A 158 -7.49 16.47 -8.42
C ARG A 158 -8.47 16.01 -7.35
N VAL A 159 -8.55 16.77 -6.25
CA VAL A 159 -9.44 16.41 -5.15
C VAL A 159 -10.90 16.68 -5.55
N PRO A 160 -11.76 15.66 -5.55
CA PRO A 160 -13.16 15.88 -5.89
C PRO A 160 -13.93 16.49 -4.71
N GLY A 161 -15.21 16.78 -4.94
N GLY A 161 -15.17 16.86 -4.99
CA GLY A 161 -16.03 17.37 -3.91
CA GLY A 161 -16.06 17.31 -3.94
C GLY A 161 -16.88 16.40 -3.11
C GLY A 161 -16.76 16.15 -3.27
N TYR A 162 -16.30 15.79 -2.08
CA TYR A 162 -17.01 14.83 -1.25
C TYR A 162 -18.04 15.55 -0.39
N ARG A 163 -19.26 15.02 -0.33
CA ARG A 163 -20.19 15.48 0.70
C ARG A 163 -19.75 14.94 2.06
N ASP A 164 -19.24 13.70 2.08
CA ASP A 164 -18.85 13.00 3.30
C ASP A 164 -17.77 12.00 2.90
N VAL A 165 -16.50 12.42 3.03
CA VAL A 165 -15.42 11.58 2.52
C VAL A 165 -15.42 10.22 3.22
N VAL A 166 -15.78 10.18 4.49
CA VAL A 166 -15.76 8.92 5.25
C VAL A 166 -16.76 7.93 4.66
N ALA A 167 -18.02 8.37 4.52
CA ALA A 167 -19.07 7.50 4.01
C ALA A 167 -18.84 7.14 2.56
N GLU A 168 -18.30 8.09 1.78
CA GLU A 168 -18.17 7.85 0.34
C GLU A 168 -17.03 6.88 0.06
N VAL A 169 -15.92 7.01 0.80
CA VAL A 169 -14.83 6.05 0.65
C VAL A 169 -15.31 4.65 0.98
N ARG A 170 -16.03 4.51 2.10
CA ARG A 170 -16.60 3.21 2.47
C ARG A 170 -17.54 2.68 1.37
N THR A 171 -18.47 3.51 0.91
CA THR A 171 -19.40 3.09 -0.13
C THR A 171 -18.66 2.62 -1.38
N GLU A 172 -17.64 3.36 -1.80
CA GLU A 172 -16.98 3.02 -3.06
C GLU A 172 -16.09 1.80 -2.90
N LEU A 173 -15.42 1.66 -1.75
CA LEU A 173 -14.65 0.45 -1.50
C LEU A 173 -15.55 -0.78 -1.52
N LEU A 174 -16.72 -0.70 -0.89
CA LEU A 174 -17.61 -1.85 -0.85
C LEU A 174 -18.21 -2.13 -2.20
N ALA A 175 -18.42 -1.10 -3.03
CA ALA A 175 -18.85 -1.33 -4.40
C ALA A 175 -17.78 -2.04 -5.20
N ALA A 176 -16.51 -1.71 -4.96
CA ALA A 176 -15.41 -2.44 -5.60
C ALA A 176 -15.38 -3.90 -5.14
N VAL A 177 -15.59 -4.13 -3.84
CA VAL A 177 -15.71 -5.49 -3.31
C VAL A 177 -16.82 -6.25 -4.02
N ASP A 178 -18.00 -5.63 -4.15
CA ASP A 178 -19.13 -6.25 -4.86
C ASP A 178 -18.76 -6.63 -6.29
N ALA A 179 -18.08 -5.74 -7.00
CA ALA A 179 -17.73 -6.03 -8.38
C ALA A 179 -16.72 -7.17 -8.47
N ALA A 180 -15.79 -7.23 -7.50
CA ALA A 180 -14.85 -8.34 -7.45
C ALA A 180 -15.58 -9.67 -7.25
N VAL A 181 -16.50 -9.72 -6.28
CA VAL A 181 -17.25 -10.95 -6.02
C VAL A 181 -18.08 -11.35 -7.24
N THR A 182 -18.72 -10.37 -7.89
CA THR A 182 -19.47 -10.66 -9.11
C THR A 182 -18.59 -11.28 -10.19
N ALA A 183 -17.34 -10.83 -10.27
CA ALA A 183 -16.39 -11.39 -11.22
C ALA A 183 -15.84 -12.74 -10.81
N GLY A 184 -16.18 -13.25 -9.63
CA GLY A 184 -15.76 -14.57 -9.19
C GLY A 184 -14.66 -14.60 -8.16
N VAL A 185 -14.22 -13.44 -7.66
CA VAL A 185 -13.29 -13.43 -6.54
C VAL A 185 -14.03 -13.80 -5.26
N GLU A 186 -13.42 -14.66 -4.45
CA GLU A 186 -14.08 -15.06 -3.22
C GLU A 186 -14.03 -13.91 -2.22
N PRO A 187 -15.12 -13.62 -1.52
CA PRO A 187 -15.14 -12.46 -0.61
C PRO A 187 -14.04 -12.51 0.43
N GLU A 188 -13.67 -13.72 0.90
CA GLU A 188 -12.63 -13.90 1.88
CA GLU A 188 -12.64 -13.84 1.91
C GLU A 188 -11.27 -13.37 1.42
N ARG A 189 -11.07 -13.19 0.12
CA ARG A 189 -9.76 -12.83 -0.41
C ARG A 189 -9.59 -11.34 -0.66
N LEU A 190 -10.55 -10.52 -0.27
CA LEU A 190 -10.46 -9.09 -0.52
C LEU A 190 -9.91 -8.35 0.69
N VAL A 191 -9.10 -7.33 0.41
CA VAL A 191 -8.62 -6.35 1.38
C VAL A 191 -8.98 -4.98 0.83
N ILE A 192 -9.30 -4.04 1.72
CA ILE A 192 -9.59 -2.68 1.28
C ILE A 192 -8.63 -1.70 1.95
N ASP A 193 -8.47 -0.53 1.32
CA ASP A 193 -7.46 0.46 1.75
C ASP A 193 -8.07 1.83 1.45
N PRO A 194 -8.14 2.75 2.42
CA PRO A 194 -8.78 4.06 2.15
C PRO A 194 -8.00 4.95 1.19
N GLY A 195 -6.78 4.59 0.81
CA GLY A 195 -6.03 5.36 -0.16
C GLY A 195 -5.70 6.76 0.33
N LEU A 196 -5.05 6.86 1.50
CA LEU A 196 -4.75 8.17 2.07
C LEU A 196 -3.94 9.02 1.09
N GLY A 197 -4.33 10.28 0.93
CA GLY A 197 -3.60 11.20 0.09
C GLY A 197 -3.91 11.12 -1.40
N PHE A 198 -4.56 10.06 -1.86
CA PHE A 198 -4.87 9.90 -3.28
C PHE A 198 -6.15 10.69 -3.59
N ALA A 199 -5.98 11.87 -4.18
CA ALA A 199 -7.09 12.81 -4.43
C ALA A 199 -7.85 13.09 -3.15
N LYS A 200 -7.11 13.26 -2.06
CA LYS A 200 -7.66 13.53 -0.74
C LYS A 200 -6.78 14.58 -0.06
N THR A 201 -7.42 15.47 0.70
CA THR A 201 -6.66 16.46 1.48
C THR A 201 -6.18 15.85 2.80
N ALA A 202 -5.33 16.61 3.49
CA ALA A 202 -4.90 16.21 4.83
C ALA A 202 -6.10 16.00 5.75
N GLU A 203 -7.06 16.93 5.72
CA GLU A 203 -8.22 16.81 6.60
C GLU A 203 -9.07 15.60 6.24
N HIS A 204 -9.20 15.28 4.95
CA HIS A 204 -9.84 14.03 4.56
C HIS A 204 -9.15 12.84 5.20
N ASN A 205 -7.81 12.81 5.14
CA ASN A 205 -7.05 11.69 5.68
C ASN A 205 -7.33 11.48 7.17
N TRP A 206 -7.34 12.57 7.95
CA TRP A 206 -7.50 12.43 9.39
C TRP A 206 -8.93 11.98 9.73
N ALA A 207 -9.92 12.43 8.95
CA ALA A 207 -11.28 11.92 9.16
C ALA A 207 -11.34 10.42 8.85
N LEU A 208 -10.66 9.99 7.78
CA LEU A 208 -10.67 8.57 7.43
C LEU A 208 -9.98 7.73 8.49
N LEU A 209 -8.88 8.26 9.06
CA LEU A 209 -8.15 7.52 10.08
C LEU A 209 -8.95 7.48 11.38
N HIS A 210 -9.56 8.60 11.76
CA HIS A 210 -10.41 8.54 12.95
C HIS A 210 -11.55 7.56 12.76
N ALA A 211 -12.04 7.42 11.53
CA ALA A 211 -13.13 6.50 11.22
C ALA A 211 -12.63 5.11 10.86
N LEU A 212 -11.35 4.82 11.07
CA LEU A 212 -10.83 3.48 10.79
C LEU A 212 -11.66 2.37 11.44
N PRO A 213 -12.10 2.46 12.72
CA PRO A 213 -12.97 1.39 13.26
C PRO A 213 -14.21 1.14 12.42
N ASP A 214 -14.83 2.20 11.89
CA ASP A 214 -15.99 2.03 11.01
C ASP A 214 -15.64 1.16 9.81
N LEU A 215 -14.49 1.42 9.19
CA LEU A 215 -14.10 0.66 8.02
C LEU A 215 -13.69 -0.76 8.40
N VAL A 216 -12.99 -0.91 9.54
CA VAL A 216 -12.70 -2.25 10.06
C VAL A 216 -13.99 -3.02 10.32
N ALA A 217 -15.03 -2.32 10.79
CA ALA A 217 -16.29 -2.97 11.10
C ALA A 217 -17.01 -3.53 9.86
N THR A 218 -16.54 -3.23 8.65
CA THR A 218 -17.13 -3.89 7.48
C THR A 218 -16.91 -5.39 7.48
N GLY A 219 -15.95 -5.88 8.27
CA GLY A 219 -15.51 -7.25 8.19
C GLY A 219 -14.52 -7.54 7.08
N VAL A 220 -14.21 -6.58 6.22
CA VAL A 220 -13.19 -6.73 5.19
C VAL A 220 -11.87 -6.26 5.78
N PRO A 221 -10.79 -7.04 5.69
CA PRO A 221 -9.49 -6.59 6.23
C PRO A 221 -9.09 -5.24 5.64
N VAL A 222 -8.54 -4.38 6.49
CA VAL A 222 -8.19 -3.01 6.11
C VAL A 222 -6.68 -2.84 6.17
N LEU A 223 -6.11 -2.36 5.06
CA LEU A 223 -4.70 -1.96 4.99
C LEU A 223 -4.63 -0.44 5.00
N VAL A 224 -3.69 0.11 5.76
CA VAL A 224 -3.49 1.56 5.84
C VAL A 224 -2.11 1.91 5.26
N GLY A 225 -2.08 2.89 4.36
CA GLY A 225 -0.80 3.38 3.87
C GLY A 225 -0.63 4.87 4.09
N ALA A 226 0.04 5.24 5.18
CA ALA A 226 0.29 6.65 5.49
C ALA A 226 1.74 7.06 5.28
N SER A 227 2.63 6.09 5.10
CA SER A 227 4.08 6.30 5.20
C SER A 227 4.57 7.45 4.34
N ARG A 228 5.12 8.47 5.00
CA ARG A 228 5.80 9.61 4.36
C ARG A 228 4.87 10.44 3.49
N LYS A 229 3.56 10.26 3.58
CA LYS A 229 2.64 10.95 2.68
CA LYS A 229 2.69 10.95 2.65
C LYS A 229 2.59 12.45 2.97
N ARG A 230 2.07 13.19 1.99
CA ARG A 230 2.12 14.64 2.01
C ARG A 230 1.45 15.24 3.25
N PHE A 231 0.35 14.63 3.72
CA PHE A 231 -0.32 15.19 4.90
C PHE A 231 0.55 15.13 6.14
N LEU A 232 1.53 14.23 6.21
CA LEU A 232 2.47 14.27 7.33
C LEU A 232 3.45 15.42 7.17
N GLY A 233 3.85 15.73 5.93
CA GLY A 233 4.64 16.94 5.72
C GLY A 233 3.90 18.19 6.17
N THR A 234 2.59 18.19 5.96
CA THR A 234 1.74 19.32 6.35
C THR A 234 1.58 19.38 7.86
N LEU A 235 1.26 18.24 8.47
CA LEU A 235 1.10 18.18 9.93
C LEU A 235 2.32 18.72 10.66
N LEU A 236 3.51 18.39 10.17
CA LEU A 236 4.76 18.69 10.85
C LEU A 236 5.46 19.90 10.25
N ALA A 237 4.72 20.77 9.57
CA ALA A 237 5.30 21.94 8.94
C ALA A 237 5.97 22.85 9.96
N ALA A 238 7.04 23.51 9.51
CA ALA A 238 7.77 24.44 10.36
C ALA A 238 6.91 25.66 10.68
N ALA A 239 7.41 26.49 11.60
CA ALA A 239 6.69 27.68 12.00
C ALA A 239 6.44 28.63 10.85
N ASP A 240 7.27 28.58 9.79
CA ASP A 240 7.11 29.46 8.65
C ASP A 240 6.32 28.84 7.52
N GLY A 241 5.79 27.63 7.68
CA GLY A 241 4.96 27.00 6.68
C GLY A 241 5.67 25.95 5.83
N THR A 242 6.98 25.82 5.96
CA THR A 242 7.73 24.82 5.20
C THR A 242 7.34 23.42 5.67
N PRO A 243 6.81 22.55 4.80
CA PRO A 243 6.48 21.20 5.24
C PRO A 243 7.72 20.43 5.66
N ARG A 244 7.53 19.50 6.59
CA ARG A 244 8.62 18.62 7.01
C ARG A 244 9.02 17.72 5.85
N PRO A 245 10.32 17.59 5.55
CA PRO A 245 10.77 16.71 4.46
C PRO A 245 10.39 15.26 4.71
N PRO A 246 10.30 14.43 3.66
CA PRO A 246 9.82 13.04 3.85
C PRO A 246 10.60 12.25 4.90
N ASP A 247 11.92 12.43 4.97
CA ASP A 247 12.72 11.71 5.96
C ASP A 247 12.34 12.10 7.39
N GLY A 248 11.83 13.30 7.59
CA GLY A 248 11.37 13.69 8.91
C GLY A 248 9.95 13.28 9.23
N ARG A 249 9.35 12.41 8.44
CA ARG A 249 7.98 11.97 8.67
C ARG A 249 7.90 10.57 9.28
N GLU A 250 9.03 9.98 9.65
CA GLU A 250 9.00 8.57 10.05
C GLU A 250 8.45 8.35 11.46
N THR A 251 8.76 9.25 12.41
CA THR A 251 8.12 9.10 13.72
C THR A 251 6.61 9.15 13.59
N ALA A 252 6.11 10.14 12.85
CA ALA A 252 4.66 10.24 12.64
C ALA A 252 4.10 8.98 11.99
N THR A 253 4.81 8.43 11.00
CA THR A 253 4.35 7.22 10.32
C THR A 253 4.25 6.05 11.29
N ALA A 254 5.25 5.89 12.16
CA ALA A 254 5.26 4.78 13.11
C ALA A 254 4.14 4.91 14.13
N VAL A 255 3.84 6.13 14.57
CA VAL A 255 2.72 6.35 15.48
C VAL A 255 1.40 5.96 14.80
N ILE A 256 1.24 6.29 13.52
CA ILE A 256 0.05 5.86 12.80
C ILE A 256 -0.04 4.34 12.76
N SER A 257 1.09 3.64 12.58
CA SER A 257 1.04 2.18 12.63
C SER A 257 0.45 1.69 13.95
N VAL A 258 0.86 2.30 15.06
CA VAL A 258 0.37 1.90 16.37
C VAL A 258 -1.13 2.19 16.52
N LEU A 259 -1.56 3.40 16.13
CA LEU A 259 -2.97 3.74 16.26
C LEU A 259 -3.82 2.90 15.31
N ALA A 260 -3.31 2.64 14.10
CA ALA A 260 -4.01 1.74 13.19
C ALA A 260 -4.13 0.35 13.79
N ALA A 261 -3.05 -0.17 14.38
CA ALA A 261 -3.12 -1.49 15.00
C ALA A 261 -4.15 -1.50 16.12
N MET A 262 -4.16 -0.46 16.97
CA MET A 262 -5.10 -0.40 18.09
C MET A 262 -6.54 -0.38 17.62
N HIS A 263 -6.80 0.14 16.44
CA HIS A 263 -8.15 0.29 15.94
C HIS A 263 -8.54 -0.78 14.92
N GLY A 264 -7.76 -1.85 14.84
CA GLY A 264 -8.19 -3.06 14.16
C GLY A 264 -7.72 -3.23 12.73
N ALA A 265 -6.79 -2.40 12.25
CA ALA A 265 -6.27 -2.57 10.89
C ALA A 265 -5.64 -3.95 10.73
N TRP A 266 -5.88 -4.56 9.57
CA TRP A 266 -5.22 -5.83 9.24
C TRP A 266 -3.75 -5.62 8.94
N GLY A 267 -3.39 -4.51 8.28
CA GLY A 267 -2.01 -4.27 7.93
C GLY A 267 -1.68 -2.79 7.82
N VAL A 268 -0.37 -2.51 7.76
CA VAL A 268 0.16 -1.18 7.49
C VAL A 268 1.22 -1.31 6.40
N ARG A 269 1.20 -0.40 5.42
CA ARG A 269 2.19 -0.37 4.34
C ARG A 269 3.19 0.75 4.64
N VAL A 270 4.48 0.38 4.82
CA VAL A 270 5.48 1.33 5.29
C VAL A 270 6.79 1.16 4.53
N HIS A 271 7.54 2.25 4.44
CA HIS A 271 8.91 2.18 3.94
C HIS A 271 9.88 1.81 5.06
N ASP A 272 9.74 2.45 6.21
CA ASP A 272 10.67 2.24 7.34
C ASP A 272 10.07 1.15 8.21
N VAL A 273 10.41 -0.09 7.88
CA VAL A 273 9.87 -1.23 8.61
C VAL A 273 10.38 -1.22 10.06
N GLN A 274 11.67 -0.94 10.25
CA GLN A 274 12.23 -0.96 11.59
C GLN A 274 11.48 -0.01 12.53
N ALA A 275 11.13 1.19 12.04
CA ALA A 275 10.47 2.15 12.93
C ALA A 275 9.07 1.69 13.32
N SER A 276 8.31 1.14 12.36
CA SER A 276 6.97 0.66 12.71
C SER A 276 7.02 -0.60 13.55
N VAL A 277 8.01 -1.47 13.31
CA VAL A 277 8.15 -2.67 14.14
C VAL A 277 8.55 -2.27 15.56
N ASP A 278 9.47 -1.31 15.71
CA ASP A 278 9.79 -0.76 17.03
C ASP A 278 8.53 -0.29 17.74
N ALA A 279 7.70 0.47 17.02
CA ALA A 279 6.50 1.06 17.61
C ALA A 279 5.50 -0.02 18.03
N LEU A 280 5.35 -1.05 17.20
CA LEU A 280 4.42 -2.12 17.53
C LEU A 280 4.96 -3.00 18.67
N LYS A 281 6.29 -3.10 18.81
CA LYS A 281 6.82 -3.79 19.97
C LYS A 281 6.51 -3.02 21.26
N VAL A 282 6.55 -1.69 21.21
CA VAL A 282 6.16 -0.90 22.38
C VAL A 282 4.68 -1.14 22.70
N LEU A 283 3.82 -1.08 21.69
CA LEU A 283 2.40 -1.34 21.92
C LEU A 283 2.17 -2.71 22.55
N GLY A 284 2.84 -3.74 22.02
CA GLY A 284 2.69 -5.07 22.58
C GLY A 284 3.20 -5.19 24.00
N ALA A 285 4.35 -4.58 24.29
CA ALA A 285 4.91 -4.67 25.64
C ALA A 285 4.05 -3.92 26.65
N TRP A 286 3.53 -2.76 26.24
CA TRP A 286 2.61 -2.00 27.10
C TRP A 286 1.36 -2.81 27.40
N THR A 287 0.71 -3.32 26.34
CA THR A 287 -0.57 -4.01 26.49
C THR A 287 -0.47 -5.20 27.44
N SER A 288 0.61 -5.96 27.37
CA SER A 288 0.77 -7.18 28.15
C SER A 288 1.57 -6.95 29.43
N GLY A 289 1.80 -5.70 29.83
CA GLY A 289 2.72 -5.41 30.91
C GLY A 289 2.34 -6.00 32.26
N GLU A 290 1.04 -6.15 32.52
CA GLU A 290 0.57 -6.67 33.81
C GLU A 290 0.07 -8.11 33.72
N GLN A 291 0.12 -8.73 32.54
CA GLN A 291 -0.28 -10.12 32.40
C GLN A 291 0.68 -11.05 33.11
N ILE A 292 0.19 -12.23 33.50
CA ILE A 292 0.95 -13.19 34.27
C ILE A 292 0.75 -14.59 33.70
N GLY A 293 1.49 -15.54 34.25
CA GLY A 293 1.28 -16.96 33.93
C GLY A 293 1.75 -17.40 32.56
#